data_7B6W
#
_entry.id   7B6W
#
_cell.length_a   67.883
_cell.length_b   76.415
_cell.length_c   151.634
_cell.angle_alpha   90.000
_cell.angle_beta   90.000
_cell.angle_gamma   90.000
#
_symmetry.space_group_name_H-M   'P 21 21 21'
#
loop_
_entity.id
_entity.type
_entity.pdbx_description
1 polymer 'Alpha-1B adrenergic receptor,alpha1B adrenergic receptor,Alpha-1B adrenergic receptor,alpha1B adrenergic receptor,Alpha-1B adrenergic receptor,alpha1B adrenergic receptor,Alpha-1B adrenergic receptor,alpha1B adrenergic receptor'
2 non-polymer [(4~{a}~{R},8~{a}~{S})-4-(4-azanyl-6,7-dimethoxy-quinazolin-2-yl)-2,3,4~{a},5,6,7,8,8~{a}-octahydroquinoxalin-1-yl]-(furan-2-yl)methanone
#
_entity_poly.entity_id   1
_entity_poly.type   'polypeptide(L)'
_entity_poly.pdbx_seq_one_letter_code
;GPGSSTLPQLDITRAISVGLVLGAFILFAIVGNILVILSVACNRHLRTPTNYFIVNLAMADLLLCFTVLPFSAALEVLGY
WVLGRTFCDIWAAMDVLCCTASILSLCAISIDRYIGVRYYLQYPTLVTRRKAILALLCVWVLSTVISIGPLLVWKEPAPN
YDKVCGVTEEPFYALFSSLGSFYIPLAVILVMYCRVYIVAKRTTKNLEAGVMKEMSNSFKFSREKKAAKMLGIVVGMFIL
CWLPFFIALPLGSLFSTLKPPDAVFKVLLWLGYFNSCLNPIIYLCAEDLVEDWEKARKLLEAARKGQDDEVRILLANGAD
VNTADETGFTPLHLAAWEGHLGIVEVLLKNGADVNANDERGHTPLHLAAYTGHLEIVEVLLKNGAGVNATDVIGTAPLHL
AAMWGHLEIVEVLLKNGADVNAQDKFGKTPFDLAIDNGNEDIAEVLQKAATRELEVLFQ
;
_entity_poly.pdbx_strand_id   AAA
#
loop_
_chem_comp.id
_chem_comp.type
_chem_comp.name
_chem_comp.formula
T0B non-polymer [(4~{a}~{R},8~{a}~{S})-4-(4-azanyl-6,7-dimethoxy-quinazolin-2-yl)-2,3,4~{a},5,6,7,8,8~{a}-octahydroquinoxalin-1-yl]-(furan-2-yl)methanone 'C23 H27 N5 O4'
#
# COMPACT_ATOMS: atom_id res chain seq x y z
N PRO A 8 -22.97 30.59 -18.71
CA PRO A 8 -22.84 29.69 -17.57
C PRO A 8 -23.11 28.20 -17.94
N GLN A 9 -22.62 27.77 -19.11
CA GLN A 9 -22.81 26.41 -19.69
C GLN A 9 -21.91 25.39 -18.95
N LEU A 10 -20.77 25.84 -18.42
CA LEU A 10 -19.76 25.01 -17.72
C LEU A 10 -20.29 24.48 -16.37
N ASP A 11 -21.27 25.17 -15.75
CA ASP A 11 -21.90 24.79 -14.45
C ASP A 11 -22.33 23.31 -14.41
N ILE A 12 -22.79 22.74 -15.55
CA ILE A 12 -23.22 21.31 -15.68
C ILE A 12 -21.98 20.41 -15.63
N THR A 13 -20.97 20.69 -16.46
CA THR A 13 -19.73 19.89 -16.60
C THR A 13 -18.90 19.96 -15.31
N ARG A 14 -18.94 21.09 -14.60
CA ARG A 14 -18.18 21.29 -13.32
C ARG A 14 -18.69 20.31 -12.26
N ALA A 15 -20.00 19.99 -12.26
CA ALA A 15 -20.66 19.08 -11.30
C ALA A 15 -20.03 17.68 -11.39
N ILE A 16 -19.90 17.16 -12.61
CA ILE A 16 -19.41 15.78 -12.90
C ILE A 16 -17.91 15.71 -12.56
N SER A 17 -17.11 16.67 -13.06
CA SER A 17 -15.66 16.77 -12.84
C SER A 17 -15.36 16.81 -11.34
N VAL A 18 -15.98 17.73 -10.61
CA VAL A 18 -15.87 17.85 -9.12
C VAL A 18 -16.42 16.56 -8.47
N GLY A 19 -17.57 16.08 -8.94
CA GLY A 19 -18.23 14.87 -8.39
C GLY A 19 -17.36 13.63 -8.51
N LEU A 20 -16.66 13.47 -9.64
CA LEU A 20 -15.73 12.34 -9.91
C LEU A 20 -14.51 12.47 -8.98
N VAL A 21 -13.96 13.69 -8.85
CA VAL A 21 -12.78 13.97 -7.98
C VAL A 21 -13.16 13.75 -6.50
N LEU A 22 -14.38 14.14 -6.12
CA LEU A 22 -14.91 13.99 -4.73
C LEU A 22 -15.27 12.52 -4.46
N GLY A 23 -15.74 11.81 -5.49
CA GLY A 23 -15.99 10.36 -5.44
C GLY A 23 -14.70 9.57 -5.31
N ALA A 24 -13.66 9.98 -6.05
CA ALA A 24 -12.31 9.38 -6.03
C ALA A 24 -11.70 9.56 -4.63
N PHE A 25 -11.88 10.75 -4.06
CA PHE A 25 -11.39 11.14 -2.71
C PHE A 25 -12.00 10.22 -1.64
N ILE A 26 -13.33 10.23 -1.52
CA ILE A 26 -14.11 9.40 -0.57
C ILE A 26 -13.64 7.94 -0.66
N LEU A 27 -13.48 7.42 -1.89
CA LEU A 27 -13.12 6.01 -2.18
C LEU A 27 -11.81 5.65 -1.48
N PHE A 28 -10.77 6.44 -1.73
CA PHE A 28 -9.42 6.23 -1.14
C PHE A 28 -9.41 6.64 0.33
N ALA A 29 -9.96 7.82 0.64
CA ALA A 29 -9.96 8.43 1.99
C ALA A 29 -10.68 7.55 3.01
N ILE A 30 -11.80 6.91 2.65
CA ILE A 30 -12.60 6.09 3.61
C ILE A 30 -12.28 4.61 3.39
N VAL A 31 -12.64 4.06 2.23
CA VAL A 31 -12.50 2.61 1.92
C VAL A 31 -11.01 2.27 1.91
N GLY A 32 -10.22 3.02 1.14
CA GLY A 32 -8.76 2.82 0.98
C GLY A 32 -8.04 2.75 2.31
N ASN A 33 -8.28 3.72 3.20
CA ASN A 33 -7.67 3.82 4.56
C ASN A 33 -8.16 2.65 5.44
N ILE A 34 -9.46 2.36 5.45
CA ILE A 34 -10.04 1.19 6.19
C ILE A 34 -9.32 -0.09 5.73
N LEU A 35 -9.11 -0.26 4.42
CA LEU A 35 -8.43 -1.43 3.83
C LEU A 35 -6.95 -1.46 4.28
N VAL A 36 -6.30 -0.31 4.35
CA VAL A 36 -4.90 -0.18 4.84
C VAL A 36 -4.86 -0.62 6.32
N ILE A 37 -5.86 -0.20 7.10
CA ILE A 37 -5.96 -0.52 8.55
C ILE A 37 -6.14 -2.03 8.69
N LEU A 38 -7.08 -2.61 7.94
CA LEU A 38 -7.50 -4.03 8.06
C LEU A 38 -6.38 -4.97 7.61
N SER A 39 -5.57 -4.57 6.63
CA SER A 39 -4.45 -5.36 6.10
C SER A 39 -3.40 -5.60 7.19
N VAL A 40 -3.09 -4.58 7.99
CA VAL A 40 -2.11 -4.65 9.13
C VAL A 40 -2.79 -5.33 10.33
N ALA A 41 -4.07 -5.04 10.57
CA ALA A 41 -4.86 -5.51 11.73
C ALA A 41 -5.05 -7.04 11.68
N CYS A 42 -5.23 -7.62 10.48
CA CYS A 42 -5.57 -9.05 10.26
C CYS A 42 -4.36 -9.84 9.72
N ASN A 43 -3.15 -9.27 9.82
CA ASN A 43 -1.87 -9.95 9.49
C ASN A 43 -0.88 -9.71 10.64
N ARG A 44 -0.57 -10.77 11.39
CA ARG A 44 0.39 -10.74 12.53
C ARG A 44 1.80 -10.44 12.02
N HIS A 45 2.14 -10.85 10.79
CA HIS A 45 3.47 -10.68 10.17
C HIS A 45 3.66 -9.24 9.68
N LEU A 46 2.56 -8.49 9.48
CA LEU A 46 2.60 -7.07 9.01
C LEU A 46 2.62 -6.10 10.21
N ARG A 47 2.36 -6.58 11.43
CA ARG A 47 2.36 -5.74 12.67
C ARG A 47 3.80 -5.32 12.99
N THR A 48 4.36 -4.38 12.22
CA THR A 48 5.72 -3.80 12.43
C THR A 48 5.59 -2.33 12.81
N PRO A 49 6.57 -1.75 13.55
CA PRO A 49 6.45 -0.38 14.06
C PRO A 49 6.18 0.69 12.98
N THR A 50 6.76 0.53 11.79
CA THR A 50 6.52 1.41 10.61
C THR A 50 5.05 1.29 10.18
N ASN A 51 4.52 0.07 10.13
CA ASN A 51 3.10 -0.23 9.79
C ASN A 51 2.20 0.26 10.93
N TYR A 52 2.71 0.39 12.15
CA TYR A 52 1.97 0.94 13.31
C TYR A 52 1.66 2.42 13.06
N PHE A 53 2.64 3.18 12.55
CA PHE A 53 2.52 4.64 12.27
C PHE A 53 1.57 4.92 11.10
N ILE A 54 1.51 4.05 10.08
CA ILE A 54 0.67 4.28 8.86
C ILE A 54 -0.80 3.97 9.21
N VAL A 55 -1.04 3.06 10.16
CA VAL A 55 -2.41 2.76 10.67
C VAL A 55 -2.90 4.01 11.42
N ASN A 56 -2.07 4.56 12.30
CA ASN A 56 -2.33 5.83 13.03
C ASN A 56 -2.55 6.99 12.03
N LEU A 57 -1.80 6.98 10.93
CA LEU A 57 -1.89 8.00 9.85
C LEU A 57 -3.21 7.84 9.11
N ALA A 58 -3.66 6.59 8.93
CA ALA A 58 -4.94 6.23 8.28
C ALA A 58 -6.12 6.54 9.20
N MET A 59 -5.96 6.33 10.52
CA MET A 59 -6.96 6.68 11.57
C MET A 59 -7.21 8.19 11.57
N ALA A 60 -6.16 8.99 11.40
CA ALA A 60 -6.24 10.48 11.37
C ALA A 60 -7.01 10.93 10.12
N ASP A 61 -6.78 10.29 8.98
CA ASP A 61 -7.47 10.58 7.69
C ASP A 61 -8.94 10.17 7.81
N LEU A 62 -9.20 9.02 8.41
CA LEU A 62 -10.57 8.49 8.66
C LEU A 62 -11.29 9.44 9.62
N LEU A 63 -10.64 9.82 10.72
CA LEU A 63 -11.24 10.67 11.79
C LEU A 63 -11.66 12.03 11.21
N LEU A 64 -10.93 12.53 10.21
CA LEU A 64 -11.25 13.78 9.45
C LEU A 64 -12.55 13.59 8.68
N CYS A 65 -12.62 12.52 7.89
CA CYS A 65 -13.77 12.19 7.00
C CYS A 65 -15.08 12.15 7.79
N PHE A 66 -15.04 11.75 9.06
CA PHE A 66 -16.26 11.48 9.85
C PHE A 66 -16.56 12.61 10.82
N THR A 67 -15.61 13.51 11.12
CA THR A 67 -15.77 14.54 12.19
C THR A 67 -15.38 15.95 11.70
N VAL A 68 -14.89 16.10 10.47
CA VAL A 68 -14.47 17.43 9.91
C VAL A 68 -15.23 17.73 8.61
N LEU A 69 -15.30 16.77 7.68
CA LEU A 69 -15.94 16.92 6.35
C LEU A 69 -17.47 17.00 6.47
N PRO A 70 -18.13 16.34 7.44
CA PRO A 70 -19.57 16.54 7.65
C PRO A 70 -19.94 18.01 7.85
N PHE A 71 -19.14 18.75 8.65
CA PHE A 71 -19.30 20.18 8.98
C PHE A 71 -19.09 21.03 7.72
N SER A 72 -18.08 20.64 6.92
CA SER A 72 -17.75 21.27 5.61
C SER A 72 -18.88 21.01 4.60
N ALA A 73 -19.36 19.76 4.53
CA ALA A 73 -20.47 19.31 3.66
C ALA A 73 -21.77 20.02 4.06
N ALA A 74 -22.05 20.10 5.37
CA ALA A 74 -23.24 20.76 5.96
C ALA A 74 -23.26 22.24 5.62
N LEU A 75 -22.08 22.88 5.61
CA LEU A 75 -21.93 24.31 5.23
C LEU A 75 -22.37 24.50 3.78
N GLU A 76 -21.74 23.79 2.84
CA GLU A 76 -21.96 23.96 1.37
C GLU A 76 -23.41 23.61 1.02
N VAL A 77 -23.94 22.51 1.58
CA VAL A 77 -25.29 21.98 1.24
C VAL A 77 -26.37 22.94 1.77
N LEU A 78 -26.37 23.23 3.07
CA LEU A 78 -27.45 23.98 3.77
C LEU A 78 -27.22 25.49 3.68
N GLY A 79 -25.97 25.95 3.78
CA GLY A 79 -25.63 27.38 3.70
C GLY A 79 -25.06 27.90 5.01
N TYR A 80 -25.66 28.95 5.59
CA TYR A 80 -25.16 29.64 6.82
C TYR A 80 -26.05 29.27 8.01
N TRP A 81 -26.11 27.99 8.33
CA TRP A 81 -26.43 27.41 9.65
C TRP A 81 -25.12 27.23 10.41
N VAL A 82 -24.44 28.34 10.68
CA VAL A 82 -23.03 28.39 11.14
C VAL A 82 -23.08 28.92 12.57
N LEU A 83 -23.50 28.09 13.51
CA LEU A 83 -23.71 28.48 14.94
C LEU A 83 -22.40 28.32 15.74
N GLY A 84 -21.55 29.34 15.72
CA GLY A 84 -20.17 29.31 16.23
C GLY A 84 -20.08 28.75 17.64
N ARG A 85 -20.93 29.24 18.55
CA ARG A 85 -20.89 28.93 20.00
C ARG A 85 -20.60 27.43 20.18
N THR A 86 -21.09 26.58 19.27
CA THR A 86 -20.89 25.11 19.32
C THR A 86 -20.34 24.63 17.97
N PHE A 87 -21.06 24.84 16.88
CA PHE A 87 -20.79 24.24 15.54
C PHE A 87 -19.34 24.50 15.12
N CYS A 88 -18.97 25.78 14.98
CA CYS A 88 -17.64 26.22 14.45
C CYS A 88 -16.50 25.89 15.43
N ASP A 89 -16.80 25.73 16.71
CA ASP A 89 -15.80 25.40 17.77
C ASP A 89 -15.41 23.91 17.68
N ILE A 90 -16.37 23.05 17.35
CA ILE A 90 -16.15 21.57 17.24
C ILE A 90 -15.25 21.30 16.03
N TRP A 91 -15.57 21.83 14.85
CA TRP A 91 -14.80 21.45 13.63
C TRP A 91 -13.66 22.43 13.34
N ALA A 92 -13.43 23.42 14.22
CA ALA A 92 -12.12 24.09 14.34
C ALA A 92 -11.20 23.19 15.14
N ALA A 93 -11.71 22.67 16.27
CA ALA A 93 -10.97 21.84 17.24
C ALA A 93 -10.60 20.50 16.59
N MET A 94 -11.56 19.81 15.96
CA MET A 94 -11.38 18.50 15.28
C MET A 94 -10.43 18.65 14.09
N ASP A 95 -10.55 19.72 13.32
CA ASP A 95 -9.67 19.99 12.16
C ASP A 95 -8.21 20.00 12.61
N VAL A 96 -7.87 20.81 13.61
CA VAL A 96 -6.47 20.92 14.14
C VAL A 96 -6.06 19.56 14.72
N LEU A 97 -6.90 18.97 15.56
CA LEU A 97 -6.60 17.68 16.23
C LEU A 97 -6.06 16.70 15.18
N CYS A 98 -6.80 16.47 14.09
CA CYS A 98 -6.48 15.48 13.03
C CYS A 98 -5.16 15.85 12.35
N CYS A 99 -4.99 17.12 11.97
CA CYS A 99 -3.78 17.65 11.30
C CYS A 99 -2.55 17.52 12.22
N THR A 100 -2.68 17.89 13.50
CA THR A 100 -1.60 17.83 14.53
C THR A 100 -1.22 16.36 14.77
N ALA A 101 -2.21 15.47 14.87
CA ALA A 101 -2.01 14.00 15.00
C ALA A 101 -1.20 13.50 13.79
N SER A 102 -1.56 13.93 12.58
CA SER A 102 -0.95 13.45 11.32
C SER A 102 0.53 13.83 11.28
N ILE A 103 0.85 15.09 11.55
CA ILE A 103 2.23 15.65 11.42
C ILE A 103 3.11 15.13 12.55
N LEU A 104 2.56 14.93 13.75
CA LEU A 104 3.31 14.36 14.90
C LEU A 104 3.55 12.87 14.67
N SER A 105 2.67 12.20 13.92
CA SER A 105 2.88 10.81 13.45
C SER A 105 4.06 10.77 12.46
N LEU A 106 4.15 11.76 11.57
CA LEU A 106 5.22 11.87 10.55
C LEU A 106 6.54 12.22 11.24
N CYS A 107 6.50 12.85 12.41
CA CYS A 107 7.70 13.11 13.26
C CYS A 107 8.23 11.77 13.80
N ALA A 108 7.33 10.90 14.27
CA ALA A 108 7.64 9.55 14.79
C ALA A 108 8.22 8.69 13.65
N ILE A 109 7.75 8.92 12.42
CA ILE A 109 8.19 8.19 11.21
C ILE A 109 9.59 8.67 10.84
N SER A 110 9.77 9.98 10.71
CA SER A 110 11.06 10.62 10.32
C SER A 110 12.19 10.15 11.24
N ILE A 111 11.90 9.93 12.52
CA ILE A 111 12.89 9.47 13.54
C ILE A 111 13.09 7.97 13.37
N ASP A 112 12.00 7.20 13.28
CA ASP A 112 12.04 5.71 13.08
C ASP A 112 12.88 5.39 11.84
N ARG A 113 12.77 6.19 10.77
CA ARG A 113 13.45 5.95 9.47
C ARG A 113 14.94 6.27 9.60
N TYR A 114 15.34 7.24 10.42
CA TYR A 114 16.77 7.54 10.69
C TYR A 114 17.38 6.41 11.54
N ILE A 115 16.68 5.97 12.59
CA ILE A 115 17.04 4.76 13.40
C ILE A 115 17.10 3.53 12.48
N GLY A 116 16.20 3.45 11.50
CA GLY A 116 16.09 2.33 10.54
C GLY A 116 17.22 2.31 9.53
N VAL A 117 17.46 3.42 8.82
CA VAL A 117 18.47 3.53 7.73
C VAL A 117 19.88 3.45 8.34
N ARG A 118 20.20 4.36 9.28
CA ARG A 118 21.55 4.47 9.90
C ARG A 118 21.92 3.13 10.54
N TYR A 119 21.04 2.57 11.39
CA TYR A 119 21.33 1.33 12.18
C TYR A 119 20.51 0.16 11.60
N TYR A 120 20.98 -0.40 10.47
CA TYR A 120 20.33 -1.44 9.63
C TYR A 120 20.07 -2.72 10.44
N LEU A 121 21.09 -3.23 11.14
CA LEU A 121 21.04 -4.52 11.90
C LEU A 121 20.73 -4.29 13.38
N GLN A 122 20.67 -3.04 13.86
CA GLN A 122 20.41 -2.68 15.28
C GLN A 122 18.91 -2.44 15.50
N TYR A 123 18.23 -1.87 14.49
CA TYR A 123 16.83 -1.35 14.57
C TYR A 123 15.85 -2.40 15.08
N PRO A 124 15.86 -3.65 14.56
CA PRO A 124 14.81 -4.62 14.91
C PRO A 124 14.62 -4.74 16.42
N THR A 125 15.73 -4.88 17.16
CA THR A 125 15.77 -4.96 18.64
C THR A 125 15.36 -3.60 19.22
N LEU A 126 15.93 -2.50 18.73
CA LEU A 126 15.71 -1.12 19.25
C LEU A 126 14.20 -0.80 19.35
N VAL A 127 13.46 -0.92 18.25
CA VAL A 127 12.03 -0.51 18.11
C VAL A 127 11.14 -1.76 18.06
N THR A 128 10.32 -1.99 19.08
CA THR A 128 9.34 -3.11 19.14
C THR A 128 7.91 -2.54 19.10
N ARG A 129 6.90 -3.41 19.22
CA ARG A 129 5.46 -3.02 19.27
C ARG A 129 5.22 -2.15 20.51
N ARG A 130 5.88 -2.48 21.63
CA ARG A 130 5.77 -1.75 22.93
C ARG A 130 6.25 -0.30 22.72
N LYS A 131 7.44 -0.11 22.16
CA LYS A 131 8.08 1.22 21.94
C LYS A 131 7.29 2.00 20.89
N ALA A 132 6.60 1.32 19.98
CA ALA A 132 5.79 1.92 18.90
C ALA A 132 4.48 2.48 19.46
N ILE A 133 3.80 1.72 20.33
CA ILE A 133 2.50 2.11 20.96
C ILE A 133 2.74 3.37 21.81
N LEU A 134 3.88 3.47 22.52
CA LEU A 134 4.21 4.65 23.36
C LEU A 134 4.31 5.89 22.46
N ALA A 135 5.01 5.77 21.34
CA ALA A 135 5.19 6.87 20.38
C ALA A 135 3.81 7.33 19.88
N LEU A 136 2.93 6.39 19.51
CA LEU A 136 1.54 6.68 19.06
C LEU A 136 0.76 7.34 20.21
N LEU A 137 0.89 6.80 21.41
CA LEU A 137 0.23 7.33 22.64
C LEU A 137 0.63 8.81 22.83
N CYS A 138 1.91 9.14 22.75
CA CYS A 138 2.43 10.53 22.90
C CYS A 138 1.72 11.48 21.93
N VAL A 139 1.57 11.05 20.67
CA VAL A 139 1.07 11.90 19.55
C VAL A 139 -0.32 12.42 19.92
N TRP A 140 -1.20 11.52 20.37
CA TRP A 140 -2.61 11.85 20.72
C TRP A 140 -2.65 12.70 21.99
N VAL A 141 -1.73 12.50 22.93
CA VAL A 141 -1.65 13.27 24.21
C VAL A 141 -1.25 14.70 23.88
N LEU A 142 -0.20 14.88 23.07
CA LEU A 142 0.23 16.21 22.58
C LEU A 142 -0.88 16.82 21.71
N SER A 143 -1.36 16.07 20.71
CA SER A 143 -2.31 16.57 19.67
C SER A 143 -3.56 17.19 20.32
N THR A 144 -4.10 16.52 21.34
CA THR A 144 -5.27 16.95 22.14
C THR A 144 -4.98 18.27 22.86
N VAL A 145 -3.81 18.39 23.51
CA VAL A 145 -3.38 19.62 24.22
C VAL A 145 -3.21 20.78 23.22
N ILE A 146 -2.51 20.53 22.12
CA ILE A 146 -2.21 21.55 21.07
C ILE A 146 -3.52 22.01 20.43
N SER A 147 -4.44 21.09 20.15
CA SER A 147 -5.70 21.37 19.41
C SER A 147 -6.73 21.98 20.35
N ILE A 148 -7.01 21.34 21.50
CA ILE A 148 -8.13 21.71 22.39
C ILE A 148 -7.65 22.79 23.38
N GLY A 149 -6.35 23.07 23.43
CA GLY A 149 -5.77 24.12 24.29
C GLY A 149 -6.43 25.48 24.04
N PRO A 150 -6.18 26.10 22.87
CA PRO A 150 -6.75 27.40 22.52
C PRO A 150 -8.25 27.56 22.81
N LEU A 151 -9.02 26.49 22.64
CA LEU A 151 -10.50 26.48 22.84
C LEU A 151 -10.84 26.73 24.32
N LEU A 152 -9.92 26.46 25.25
CA LEU A 152 -10.04 26.77 26.70
C LEU A 152 -9.39 28.13 27.00
N VAL A 153 -8.15 28.33 26.50
CA VAL A 153 -7.33 29.55 26.76
C VAL A 153 -8.13 30.78 26.36
N TRP A 154 -8.77 30.74 25.19
CA TRP A 154 -9.65 31.81 24.67
C TRP A 154 -11.12 31.38 24.80
N LYS A 155 -11.68 31.51 26.02
CA LYS A 155 -12.98 30.95 26.46
C LYS A 155 -14.13 31.84 25.97
N GLU A 156 -14.14 33.12 26.33
CA GLU A 156 -15.28 34.04 26.07
C GLU A 156 -15.11 34.70 24.70
N PRO A 157 -16.20 34.86 23.90
CA PRO A 157 -16.11 35.49 22.57
C PRO A 157 -15.65 36.95 22.67
N ALA A 158 -14.94 37.43 21.65
CA ALA A 158 -14.35 38.79 21.65
C ALA A 158 -15.47 39.81 21.54
N PRO A 159 -15.29 41.07 22.04
CA PRO A 159 -16.13 42.19 21.63
C PRO A 159 -15.61 42.77 20.31
N ASN A 160 -16.37 43.69 19.71
CA ASN A 160 -15.96 44.48 18.52
C ASN A 160 -15.80 43.57 17.29
N TYR A 161 -14.82 42.67 17.25
CA TYR A 161 -14.54 41.84 16.04
C TYR A 161 -14.25 40.40 16.40
N ASP A 162 -15.29 39.61 16.71
CA ASP A 162 -15.16 38.13 16.89
C ASP A 162 -15.20 37.46 15.50
N LYS A 163 -14.44 36.38 15.32
CA LYS A 163 -14.41 35.55 14.07
C LYS A 163 -14.38 34.05 14.44
N VAL A 164 -15.35 33.60 15.25
CA VAL A 164 -15.57 32.17 15.64
C VAL A 164 -15.60 31.33 14.37
N CYS A 165 -16.49 31.70 13.44
CA CYS A 165 -16.74 30.98 12.16
C CYS A 165 -15.90 31.60 11.03
N GLY A 166 -14.60 31.76 11.31
CA GLY A 166 -13.55 32.17 10.36
C GLY A 166 -12.21 31.61 10.80
N VAL A 167 -11.35 31.24 9.84
CA VAL A 167 -9.98 30.70 10.08
C VAL A 167 -9.10 31.81 10.70
N THR A 168 -9.33 33.06 10.31
CA THR A 168 -8.59 34.27 10.78
C THR A 168 -8.66 34.39 12.31
N GLU A 169 -7.77 35.20 12.89
CA GLU A 169 -7.72 35.53 14.35
C GLU A 169 -6.56 36.48 14.60
N GLU A 170 -6.31 36.82 15.88
CA GLU A 170 -5.20 37.72 16.32
C GLU A 170 -3.87 36.98 16.22
N PRO A 171 -2.72 37.71 16.19
CA PRO A 171 -1.41 37.08 16.09
C PRO A 171 -1.08 36.03 17.18
N PHE A 172 -1.59 36.21 18.41
CA PHE A 172 -1.32 35.32 19.57
C PHE A 172 -1.86 33.90 19.30
N TYR A 173 -2.85 33.76 18.41
CA TYR A 173 -3.36 32.43 17.97
C TYR A 173 -2.69 32.03 16.64
N ALA A 174 -2.61 32.97 15.70
CA ALA A 174 -2.10 32.76 14.32
C ALA A 174 -0.68 32.15 14.38
N LEU A 175 0.15 32.59 15.33
CA LEU A 175 1.56 32.13 15.45
C LEU A 175 1.63 30.94 16.42
N PHE A 176 1.11 31.09 17.64
CA PHE A 176 1.18 30.08 18.73
C PHE A 176 0.63 28.73 18.26
N SER A 177 -0.47 28.73 17.49
CA SER A 177 -1.13 27.50 16.95
C SER A 177 -0.33 26.92 15.78
N SER A 178 -0.08 27.74 14.75
CA SER A 178 0.68 27.36 13.52
C SER A 178 2.05 26.79 13.88
N LEU A 179 2.73 27.37 14.89
CA LEU A 179 4.03 26.86 15.40
C LEU A 179 3.85 25.44 15.91
N GLY A 180 2.97 25.27 16.91
CA GLY A 180 2.77 23.99 17.61
C GLY A 180 2.14 22.92 16.74
N SER A 181 1.45 23.30 15.65
CA SER A 181 0.63 22.39 14.81
C SER A 181 1.27 22.13 13.44
N PHE A 182 2.31 22.89 13.06
CA PHE A 182 2.98 22.74 11.73
C PHE A 182 4.49 22.95 11.84
N TYR A 183 4.94 24.19 12.07
CA TYR A 183 6.34 24.64 11.86
C TYR A 183 7.29 23.92 12.81
N ILE A 184 6.94 23.74 14.09
CA ILE A 184 7.83 23.05 15.07
C ILE A 184 7.92 21.56 14.70
N PRO A 185 6.79 20.86 14.44
CA PRO A 185 6.86 19.52 13.84
C PRO A 185 7.63 19.44 12.52
N LEU A 186 7.41 20.39 11.62
CA LEU A 186 8.07 20.47 10.28
C LEU A 186 9.59 20.52 10.45
N ALA A 187 10.06 21.31 11.41
CA ALA A 187 11.50 21.45 11.76
C ALA A 187 12.07 20.06 12.07
N VAL A 188 11.42 19.31 12.96
CA VAL A 188 11.87 17.96 13.35
C VAL A 188 11.94 17.10 12.09
N ILE A 189 10.85 17.05 11.32
CA ILE A 189 10.71 16.19 10.10
C ILE A 189 11.86 16.52 9.14
N LEU A 190 11.89 17.75 8.60
CA LEU A 190 12.84 18.20 7.55
C LEU A 190 14.28 17.94 8.01
N VAL A 191 14.60 18.22 9.27
CA VAL A 191 15.96 17.99 9.85
C VAL A 191 16.26 16.48 9.80
N MET A 192 15.32 15.65 10.25
CA MET A 192 15.48 14.18 10.36
C MET A 192 15.53 13.54 8.96
N TYR A 193 14.63 13.92 8.06
CA TYR A 193 14.57 13.36 6.67
C TYR A 193 15.61 14.03 5.79
N CYS A 194 16.29 15.08 6.28
CA CYS A 194 17.54 15.63 5.69
C CYS A 194 18.69 14.72 6.12
N ARG A 195 18.72 14.35 7.41
CA ARG A 195 19.72 13.42 7.99
C ARG A 195 19.57 12.04 7.35
N VAL A 196 18.34 11.53 7.21
CA VAL A 196 18.05 10.24 6.53
C VAL A 196 18.55 10.32 5.08
N TYR A 197 18.37 11.48 4.43
CA TYR A 197 18.66 11.73 2.99
C TYR A 197 20.10 11.39 2.67
N ILE A 198 21.02 11.87 3.52
CA ILE A 198 22.51 11.81 3.30
C ILE A 198 23.04 10.43 3.75
N VAL A 199 22.50 9.85 4.83
CA VAL A 199 22.91 8.51 5.35
C VAL A 199 22.58 7.44 4.30
N ALA A 200 21.42 7.55 3.64
CA ALA A 200 20.93 6.61 2.60
C ALA A 200 21.87 6.62 1.38
N LYS A 201 22.39 7.80 1.00
CA LYS A 201 23.36 7.97 -0.11
C LYS A 201 24.73 7.44 0.33
N ARG A 202 25.16 7.78 1.56
CA ARG A 202 26.49 7.44 2.15
C ARG A 202 26.64 5.92 2.30
N THR A 203 25.55 5.21 2.64
CA THR A 203 25.53 3.72 2.79
C THR A 203 25.21 3.06 1.44
N THR A 204 24.51 3.78 0.55
CA THR A 204 24.21 3.37 -0.85
C THR A 204 25.51 3.38 -1.68
N LYS A 205 26.34 4.43 -1.53
CA LYS A 205 27.68 4.54 -2.18
C LYS A 205 28.57 3.41 -1.65
N ASN A 206 28.64 3.25 -0.31
CA ASN A 206 29.45 2.23 0.38
C ASN A 206 29.01 0.82 -0.04
N LEU A 207 27.70 0.56 -0.04
CA LEU A 207 27.10 -0.74 -0.47
C LEU A 207 26.89 -0.73 -2.00
N SER A 218 23.97 -8.25 4.16
CA SER A 218 22.66 -7.93 4.81
C SER A 218 21.82 -7.07 3.85
N PHE A 219 20.54 -7.46 3.73
CA PHE A 219 19.57 -6.80 2.87
C PHE A 219 18.85 -5.70 3.65
N LYS A 220 19.01 -5.69 4.99
CA LYS A 220 18.28 -4.84 5.96
C LYS A 220 18.27 -3.37 5.50
N PHE A 221 19.41 -2.84 5.03
CA PHE A 221 19.52 -1.44 4.54
C PHE A 221 18.55 -1.20 3.38
N SER A 222 18.44 -2.13 2.43
CA SER A 222 17.53 -2.01 1.24
C SER A 222 16.08 -2.36 1.60
N ARG A 223 15.82 -2.83 2.83
CA ARG A 223 14.44 -3.09 3.32
C ARG A 223 13.93 -1.85 4.07
N GLU A 224 14.85 -1.03 4.59
CA GLU A 224 14.55 0.14 5.46
C GLU A 224 14.83 1.45 4.73
N LYS A 225 15.73 1.45 3.74
CA LYS A 225 15.89 2.59 2.80
C LYS A 225 14.78 2.52 1.75
N LYS A 226 14.26 1.31 1.48
CA LYS A 226 13.04 1.13 0.64
C LYS A 226 11.88 1.76 1.41
N ALA A 227 11.74 1.43 2.70
CA ALA A 227 10.68 1.94 3.59
C ALA A 227 10.79 3.45 3.72
N ALA A 228 12.00 3.97 3.96
CA ALA A 228 12.27 5.42 4.12
C ALA A 228 11.81 6.18 2.88
N LYS A 229 11.97 5.59 1.69
CA LYS A 229 11.63 6.22 0.39
C LYS A 229 10.10 6.31 0.22
N MET A 230 9.37 5.23 0.48
CA MET A 230 7.88 5.21 0.35
C MET A 230 7.29 6.28 1.26
N LEU A 231 7.68 6.24 2.53
CA LEU A 231 7.17 7.13 3.60
C LEU A 231 7.67 8.57 3.39
N GLY A 232 8.82 8.77 2.74
CA GLY A 232 9.33 10.10 2.38
C GLY A 232 8.35 10.81 1.44
N ILE A 233 7.76 10.07 0.50
CA ILE A 233 6.75 10.58 -0.48
C ILE A 233 5.54 11.06 0.32
N VAL A 234 5.12 10.25 1.29
CA VAL A 234 3.94 10.48 2.20
C VAL A 234 4.14 11.83 2.90
N VAL A 235 5.34 11.99 3.49
CA VAL A 235 5.80 13.18 4.28
C VAL A 235 5.80 14.41 3.35
N GLY A 236 6.31 14.25 2.13
CA GLY A 236 6.39 15.33 1.13
C GLY A 236 5.00 15.78 0.70
N MET A 237 4.12 14.84 0.40
CA MET A 237 2.75 15.12 -0.09
C MET A 237 1.95 15.85 0.99
N PHE A 238 2.17 15.52 2.27
CA PHE A 238 1.52 16.19 3.43
C PHE A 238 2.00 17.64 3.48
N ILE A 239 3.31 17.85 3.53
CA ILE A 239 3.95 19.20 3.54
C ILE A 239 3.41 20.00 2.35
N LEU A 240 3.44 19.41 1.15
CA LEU A 240 2.98 20.07 -0.10
C LEU A 240 1.51 20.50 0.06
N CYS A 241 0.66 19.65 0.65
CA CYS A 241 -0.81 19.87 0.78
C CYS A 241 -1.13 20.98 1.80
N TRP A 242 -0.43 20.98 2.94
CA TRP A 242 -0.76 21.79 4.14
C TRP A 242 0.07 23.08 4.21
N LEU A 243 1.18 23.16 3.47
CA LEU A 243 2.08 24.34 3.53
C LEU A 243 1.30 25.59 3.08
N PRO A 244 0.55 25.54 1.96
CA PRO A 244 -0.22 26.69 1.47
C PRO A 244 -1.17 27.33 2.50
N PHE A 245 -1.86 26.51 3.29
CA PHE A 245 -2.76 27.00 4.36
C PHE A 245 -1.92 27.61 5.48
N PHE A 246 -0.92 26.88 5.98
CA PHE A 246 -0.12 27.22 7.19
C PHE A 246 0.91 28.30 6.89
N ILE A 247 1.17 28.55 5.62
CA ILE A 247 1.95 29.75 5.18
C ILE A 247 1.05 30.97 5.40
N ALA A 248 -0.25 30.86 5.07
CA ALA A 248 -1.20 32.00 4.95
C ALA A 248 -1.73 32.46 6.32
N LEU A 249 -1.77 31.59 7.32
CA LEU A 249 -2.30 31.97 8.67
C LEU A 249 -1.36 32.99 9.32
N PRO A 250 -0.05 32.68 9.53
CA PRO A 250 0.86 33.66 10.12
C PRO A 250 1.02 34.88 9.19
N LEU A 251 1.15 34.65 7.89
CA LEU A 251 1.43 35.68 6.86
C LEU A 251 0.27 36.70 6.81
N GLY A 252 -0.96 36.27 7.12
CA GLY A 252 -2.15 37.13 7.17
C GLY A 252 -2.02 38.24 8.20
N SER A 253 -1.40 37.94 9.35
CA SER A 253 -1.24 38.85 10.53
C SER A 253 -0.55 40.15 10.14
N LEU A 254 0.46 40.08 9.27
CA LEU A 254 1.19 41.24 8.70
C LEU A 254 0.30 41.88 7.62
N LYS A 259 -4.66 39.00 4.91
CA LYS A 259 -4.23 39.08 3.48
C LYS A 259 -5.19 38.27 2.61
N PRO A 260 -5.38 36.96 2.87
CA PRO A 260 -6.27 36.13 2.02
C PRO A 260 -7.75 36.36 2.32
N PRO A 261 -8.62 36.41 1.28
CA PRO A 261 -10.08 36.37 1.48
C PRO A 261 -10.55 35.03 2.09
N ASP A 262 -11.75 35.01 2.64
CA ASP A 262 -12.36 33.79 3.25
C ASP A 262 -12.49 32.69 2.18
N ALA A 263 -12.82 33.06 0.94
CA ALA A 263 -12.99 32.14 -0.20
C ALA A 263 -11.64 31.51 -0.56
N VAL A 264 -10.54 32.24 -0.36
CA VAL A 264 -9.14 31.75 -0.62
C VAL A 264 -8.78 30.69 0.43
N PHE A 265 -9.10 30.96 1.71
CA PHE A 265 -8.83 30.05 2.86
C PHE A 265 -9.59 28.73 2.69
N LYS A 266 -10.76 28.77 2.04
CA LYS A 266 -11.68 27.60 1.87
C LYS A 266 -11.01 26.55 0.98
N VAL A 267 -10.35 26.97 -0.10
CA VAL A 267 -9.67 26.05 -1.06
C VAL A 267 -8.35 25.59 -0.45
N LEU A 268 -7.70 26.44 0.36
CA LEU A 268 -6.42 26.10 1.03
C LEU A 268 -6.63 25.00 2.07
N LEU A 269 -7.79 25.01 2.74
CA LEU A 269 -8.18 23.97 3.73
C LEU A 269 -8.55 22.68 2.97
N TRP A 270 -9.34 22.81 1.90
CA TRP A 270 -9.79 21.70 1.03
C TRP A 270 -8.57 20.97 0.47
N LEU A 271 -7.51 21.73 0.15
CA LEU A 271 -6.23 21.19 -0.36
C LEU A 271 -5.60 20.32 0.73
N GLY A 272 -5.62 20.80 1.98
CA GLY A 272 -5.12 20.09 3.17
C GLY A 272 -5.88 18.81 3.41
N TYR A 273 -7.21 18.83 3.25
CA TYR A 273 -8.14 17.68 3.43
C TYR A 273 -7.86 16.59 2.39
N PHE A 274 -7.58 17.01 1.15
CA PHE A 274 -7.35 16.13 -0.02
C PHE A 274 -6.27 15.11 0.30
N ASN A 275 -5.27 15.48 1.13
CA ASN A 275 -4.14 14.63 1.56
C ASN A 275 -4.64 13.30 2.16
N SER A 276 -5.84 13.31 2.75
CA SER A 276 -6.47 12.15 3.43
C SER A 276 -6.63 10.94 2.48
N CYS A 277 -6.74 11.18 1.17
CA CYS A 277 -6.92 10.13 0.12
C CYS A 277 -5.56 9.71 -0.48
N LEU A 278 -4.52 10.53 -0.33
CA LEU A 278 -3.23 10.37 -1.06
C LEU A 278 -2.45 9.17 -0.52
N ASN A 279 -2.55 8.86 0.78
CA ASN A 279 -1.71 7.82 1.44
C ASN A 279 -2.01 6.46 0.83
N PRO A 280 -3.26 5.95 0.84
CA PRO A 280 -3.57 4.68 0.19
C PRO A 280 -3.14 4.63 -1.28
N ILE A 281 -3.28 5.74 -2.01
CA ILE A 281 -2.88 5.88 -3.44
C ILE A 281 -1.35 5.73 -3.53
N ILE A 282 -0.59 6.46 -2.70
CA ILE A 282 0.91 6.39 -2.65
C ILE A 282 1.38 4.94 -2.45
N TYR A 283 0.69 4.16 -1.62
CA TYR A 283 1.04 2.75 -1.30
C TYR A 283 0.75 1.84 -2.49
N LEU A 284 -0.07 2.27 -3.45
CA LEU A 284 -0.44 1.46 -4.64
C LEU A 284 0.33 1.94 -5.87
N CYS A 285 0.82 3.18 -5.86
CA CYS A 285 1.31 3.88 -7.07
C CYS A 285 2.85 3.99 -7.08
N ALA A 286 3.52 3.80 -5.93
CA ALA A 286 4.97 4.05 -5.79
C ALA A 286 5.76 2.73 -5.82
N GLU A 287 6.70 2.63 -6.78
CA GLU A 287 7.68 1.52 -6.96
C GLU A 287 9.01 1.96 -6.33
N ASP A 288 9.35 1.39 -5.16
CA ASP A 288 10.57 1.69 -4.36
C ASP A 288 11.32 0.40 -4.00
N LEU A 289 10.61 -0.67 -3.61
CA LEU A 289 11.12 -2.07 -3.53
C LEU A 289 11.66 -2.47 -4.91
N VAL A 290 10.94 -2.08 -5.98
CA VAL A 290 11.34 -2.21 -7.42
C VAL A 290 11.77 -0.82 -7.95
N GLU A 291 12.35 0.03 -7.09
CA GLU A 291 12.87 1.38 -7.43
C GLU A 291 14.15 1.22 -8.25
N ASP A 292 15.04 0.33 -7.79
CA ASP A 292 16.24 -0.12 -8.54
C ASP A 292 15.78 -0.86 -9.80
N TRP A 293 15.39 -0.11 -10.83
CA TRP A 293 15.04 -0.66 -12.18
C TRP A 293 16.20 -1.54 -12.64
N GLU A 294 17.44 -1.10 -12.36
CA GLU A 294 18.68 -1.83 -12.68
C GLU A 294 18.74 -3.16 -11.91
N LYS A 295 18.50 -3.14 -10.59
CA LYS A 295 18.61 -4.34 -9.73
C LYS A 295 17.37 -5.24 -9.91
N ALA A 296 16.23 -4.68 -10.34
CA ALA A 296 14.96 -5.42 -10.56
C ALA A 296 15.06 -6.29 -11.81
N ARG A 297 15.42 -5.69 -12.96
CA ARG A 297 15.56 -6.39 -14.27
C ARG A 297 16.75 -7.36 -14.20
N LYS A 298 17.72 -7.07 -13.31
CA LYS A 298 18.89 -7.93 -13.05
C LYS A 298 18.42 -9.27 -12.49
N LEU A 299 17.46 -9.26 -11.54
CA LEU A 299 16.92 -10.48 -10.87
C LEU A 299 16.04 -11.28 -11.84
N LEU A 300 15.12 -10.59 -12.54
CA LEU A 300 14.25 -11.19 -13.58
C LEU A 300 15.09 -12.03 -14.54
N GLU A 301 16.26 -11.51 -14.96
CA GLU A 301 17.15 -12.19 -15.93
C GLU A 301 17.87 -13.35 -15.25
N ALA A 302 18.42 -13.13 -14.06
CA ALA A 302 19.15 -14.15 -13.27
C ALA A 302 18.27 -15.40 -13.11
N ALA A 303 16.99 -15.22 -12.78
CA ALA A 303 16.05 -16.31 -12.43
C ALA A 303 15.68 -17.09 -13.69
N ARG A 304 15.60 -16.39 -14.82
CA ARG A 304 15.29 -16.98 -16.15
C ARG A 304 16.51 -17.75 -16.66
N LYS A 305 17.71 -17.17 -16.55
CA LYS A 305 18.97 -17.73 -17.09
C LYS A 305 19.40 -18.95 -16.26
N GLY A 306 18.95 -19.06 -15.00
CA GLY A 306 19.23 -20.23 -14.13
C GLY A 306 20.52 -20.06 -13.34
N GLN A 307 20.83 -18.82 -12.95
CA GLN A 307 22.11 -18.42 -12.30
C GLN A 307 21.91 -18.32 -10.79
N ASP A 308 21.91 -19.48 -10.11
CA ASP A 308 21.63 -19.62 -8.66
C ASP A 308 22.52 -18.68 -7.86
N ASP A 309 23.82 -18.62 -8.18
CA ASP A 309 24.83 -17.79 -7.46
C ASP A 309 24.36 -16.34 -7.46
N GLU A 310 24.02 -15.82 -8.65
CA GLU A 310 23.67 -14.40 -8.87
C GLU A 310 22.35 -14.09 -8.16
N VAL A 311 21.35 -14.97 -8.32
CA VAL A 311 19.96 -14.76 -7.82
C VAL A 311 20.04 -14.60 -6.30
N ARG A 312 20.75 -15.51 -5.62
CA ARG A 312 20.96 -15.51 -4.15
C ARG A 312 21.59 -14.18 -3.74
N ILE A 313 22.65 -13.78 -4.46
CA ILE A 313 23.45 -12.54 -4.23
C ILE A 313 22.57 -11.31 -4.42
N LEU A 314 21.78 -11.29 -5.49
CA LEU A 314 20.92 -10.13 -5.86
C LEU A 314 19.82 -9.96 -4.81
N LEU A 315 19.20 -11.08 -4.41
CA LEU A 315 18.11 -11.11 -3.40
C LEU A 315 18.65 -10.53 -2.09
N ALA A 316 19.82 -11.02 -1.69
CA ALA A 316 20.52 -10.66 -0.43
C ALA A 316 20.92 -9.18 -0.44
N ASN A 317 21.07 -8.59 -1.64
CA ASN A 317 21.54 -7.18 -1.83
C ASN A 317 20.34 -6.22 -1.98
N GLY A 318 19.10 -6.72 -1.85
CA GLY A 318 17.89 -5.90 -1.73
C GLY A 318 16.94 -6.00 -2.93
N ALA A 319 17.12 -7.00 -3.80
CA ALA A 319 16.30 -7.18 -5.03
C ALA A 319 14.89 -7.67 -4.64
N ASP A 320 13.84 -7.08 -5.22
CA ASP A 320 12.43 -7.40 -4.89
C ASP A 320 12.03 -8.77 -5.45
N VAL A 321 11.63 -9.68 -4.57
CA VAL A 321 11.26 -11.08 -4.93
C VAL A 321 10.04 -11.05 -5.87
N ASN A 322 9.12 -10.11 -5.65
CA ASN A 322 7.85 -9.97 -6.40
C ASN A 322 7.95 -8.79 -7.36
N THR A 323 9.03 -8.72 -8.14
CA THR A 323 9.23 -7.73 -9.23
C THR A 323 8.31 -8.09 -10.38
N ALA A 324 7.56 -7.09 -10.87
CA ALA A 324 6.59 -7.21 -11.98
C ALA A 324 7.28 -6.75 -13.26
N ASP A 325 7.36 -7.64 -14.24
CA ASP A 325 7.79 -7.34 -15.64
C ASP A 325 6.75 -6.39 -16.28
N GLU A 326 7.11 -5.74 -17.39
CA GLU A 326 6.19 -4.92 -18.23
C GLU A 326 5.04 -5.80 -18.75
N THR A 327 5.25 -7.11 -18.92
CA THR A 327 4.22 -8.12 -19.36
C THR A 327 3.47 -8.67 -18.14
N GLY A 328 4.13 -8.70 -16.98
CA GLY A 328 3.53 -9.13 -15.70
C GLY A 328 4.25 -10.32 -15.09
N PHE A 329 5.26 -10.88 -15.76
CA PHE A 329 6.06 -12.05 -15.28
C PHE A 329 6.95 -11.63 -14.10
N THR A 330 6.96 -12.44 -13.05
CA THR A 330 7.84 -12.28 -11.86
C THR A 330 9.01 -13.25 -12.00
N PRO A 331 10.08 -13.09 -11.20
CA PRO A 331 11.17 -14.05 -11.21
C PRO A 331 10.72 -15.50 -11.04
N LEU A 332 9.68 -15.73 -10.23
CA LEU A 332 9.16 -17.10 -9.95
C LEU A 332 8.52 -17.67 -11.21
N HIS A 333 7.80 -16.84 -11.97
CA HIS A 333 7.21 -17.22 -13.29
C HIS A 333 8.31 -17.81 -14.19
N LEU A 334 9.33 -17.00 -14.47
CA LEU A 334 10.38 -17.28 -15.49
C LEU A 334 11.22 -18.47 -15.03
N ALA A 335 11.46 -18.59 -13.72
CA ALA A 335 12.20 -19.71 -13.09
C ALA A 335 11.42 -21.03 -13.30
N ALA A 336 10.10 -20.98 -13.07
CA ALA A 336 9.18 -22.13 -13.23
C ALA A 336 9.10 -22.51 -14.70
N TRP A 337 9.04 -21.51 -15.58
CA TRP A 337 9.00 -21.65 -17.06
C TRP A 337 10.30 -22.28 -17.56
N GLU A 338 11.45 -21.73 -17.17
CA GLU A 338 12.78 -22.12 -17.69
C GLU A 338 13.27 -23.39 -17.00
N GLY A 339 12.58 -23.85 -15.95
CA GLY A 339 12.79 -25.17 -15.33
C GLY A 339 13.91 -25.17 -14.29
N HIS A 340 14.22 -24.02 -13.67
CA HIS A 340 15.31 -23.85 -12.68
C HIS A 340 14.76 -24.03 -11.26
N LEU A 341 14.77 -25.27 -10.76
CA LEU A 341 14.19 -25.67 -9.45
C LEU A 341 14.87 -24.91 -8.31
N GLY A 342 16.20 -24.83 -8.33
CA GLY A 342 16.97 -24.16 -7.26
C GLY A 342 16.49 -22.74 -7.02
N ILE A 343 16.26 -21.99 -8.09
CA ILE A 343 15.88 -20.55 -8.02
C ILE A 343 14.42 -20.43 -7.55
N VAL A 344 13.57 -21.37 -7.97
CA VAL A 344 12.14 -21.42 -7.55
C VAL A 344 12.10 -21.57 -6.03
N GLU A 345 12.91 -22.47 -5.47
CA GLU A 345 12.92 -22.79 -4.02
C GLU A 345 13.38 -21.54 -3.24
N VAL A 346 14.50 -20.93 -3.62
CA VAL A 346 15.10 -19.79 -2.85
C VAL A 346 14.19 -18.56 -2.95
N LEU A 347 13.51 -18.38 -4.09
CA LEU A 347 12.54 -17.26 -4.33
C LEU A 347 11.37 -17.41 -3.35
N LEU A 348 10.75 -18.59 -3.32
CA LEU A 348 9.69 -18.95 -2.36
C LEU A 348 10.23 -18.79 -0.93
N LYS A 349 11.44 -19.31 -0.64
CA LYS A 349 12.10 -19.24 0.69
C LYS A 349 12.31 -17.78 1.09
N ASN A 350 12.46 -16.88 0.10
CA ASN A 350 12.61 -15.40 0.28
C ASN A 350 11.26 -14.70 0.10
N GLY A 351 10.15 -15.42 0.29
CA GLY A 351 8.80 -14.84 0.33
C GLY A 351 8.35 -14.40 -1.06
N ALA A 352 8.11 -15.35 -1.95
CA ALA A 352 7.64 -15.12 -3.33
C ALA A 352 6.16 -15.44 -3.40
N ASP A 353 5.41 -14.56 -4.04
CA ASP A 353 3.98 -14.79 -4.39
C ASP A 353 3.91 -16.00 -5.32
N VAL A 354 3.52 -17.15 -4.78
CA VAL A 354 3.40 -18.43 -5.54
C VAL A 354 2.18 -18.36 -6.47
N ASN A 355 1.23 -17.46 -6.22
CA ASN A 355 0.01 -17.35 -7.05
C ASN A 355 0.03 -16.04 -7.84
N ALA A 356 1.22 -15.53 -8.16
CA ALA A 356 1.42 -14.28 -8.93
C ALA A 356 0.77 -14.42 -10.31
N ASN A 357 0.07 -13.37 -10.77
CA ASN A 357 -0.62 -13.35 -12.09
C ASN A 357 0.10 -12.40 -13.06
N ASP A 358 0.18 -12.78 -14.35
CA ASP A 358 0.57 -11.88 -15.46
C ASP A 358 -0.70 -11.23 -16.01
N GLU A 359 -0.61 -10.47 -17.11
CA GLU A 359 -1.75 -9.70 -17.66
C GLU A 359 -2.90 -10.64 -18.05
N ARG A 360 -2.59 -11.85 -18.54
CA ARG A 360 -3.61 -12.85 -18.99
C ARG A 360 -3.93 -13.81 -17.85
N GLY A 361 -3.30 -13.64 -16.68
CA GLY A 361 -3.65 -14.34 -15.43
C GLY A 361 -2.85 -15.60 -15.18
N HIS A 362 -1.92 -15.98 -16.07
CA HIS A 362 -1.04 -17.17 -15.93
C HIS A 362 -0.21 -17.06 -14.65
N THR A 363 -0.19 -18.13 -13.85
CA THR A 363 0.61 -18.27 -12.60
C THR A 363 1.84 -19.11 -12.91
N PRO A 364 2.89 -19.11 -12.05
CA PRO A 364 4.05 -19.96 -12.27
C PRO A 364 3.72 -21.45 -12.50
N LEU A 365 2.60 -21.93 -11.94
CA LEU A 365 2.14 -23.35 -12.08
C LEU A 365 1.64 -23.58 -13.50
N HIS A 366 0.92 -22.62 -14.09
CA HIS A 366 0.57 -22.64 -15.53
C HIS A 366 1.83 -22.86 -16.37
N LEU A 367 2.90 -22.11 -16.07
CA LEU A 367 4.17 -22.12 -16.83
C LEU A 367 4.91 -23.45 -16.57
N ALA A 368 5.00 -23.86 -15.31
CA ALA A 368 5.64 -25.12 -14.87
C ALA A 368 4.92 -26.31 -15.52
N ALA A 369 3.60 -26.23 -15.64
CA ALA A 369 2.76 -27.28 -16.27
C ALA A 369 3.06 -27.35 -17.77
N TYR A 370 3.23 -26.21 -18.41
CA TYR A 370 3.39 -26.09 -19.88
C TYR A 370 4.70 -26.72 -20.31
N THR A 371 5.79 -26.34 -19.65
CA THR A 371 7.20 -26.67 -20.01
C THR A 371 7.62 -28.03 -19.43
N GLY A 372 6.71 -28.71 -18.73
CA GLY A 372 6.87 -30.12 -18.32
C GLY A 372 7.90 -30.31 -17.23
N HIS A 373 7.97 -29.43 -16.23
CA HIS A 373 8.92 -29.53 -15.09
C HIS A 373 8.18 -30.06 -13.86
N LEU A 374 8.16 -31.38 -13.68
CA LEU A 374 7.46 -32.11 -12.58
C LEU A 374 7.98 -31.64 -11.21
N GLU A 375 9.29 -31.43 -11.12
CA GLU A 375 10.00 -31.02 -9.89
C GLU A 375 9.32 -29.76 -9.33
N ILE A 376 9.21 -28.72 -10.17
CA ILE A 376 8.76 -27.33 -9.81
C ILE A 376 7.25 -27.36 -9.52
N VAL A 377 6.47 -28.10 -10.32
CA VAL A 377 4.99 -28.23 -10.14
C VAL A 377 4.71 -28.74 -8.73
N GLU A 378 5.45 -29.77 -8.29
CA GLU A 378 5.34 -30.35 -6.93
C GLU A 378 5.73 -29.31 -5.87
N VAL A 379 6.82 -28.58 -6.09
CA VAL A 379 7.35 -27.56 -5.13
C VAL A 379 6.35 -26.40 -5.00
N LEU A 380 5.84 -25.90 -6.13
CA LEU A 380 4.82 -24.82 -6.20
C LEU A 380 3.56 -25.23 -5.41
N LEU A 381 3.05 -26.44 -5.65
CA LEU A 381 1.85 -27.00 -4.98
C LEU A 381 2.14 -27.11 -3.48
N LYS A 382 3.31 -27.64 -3.13
CA LYS A 382 3.80 -27.73 -1.72
C LYS A 382 3.74 -26.34 -1.07
N ASN A 383 4.13 -25.30 -1.80
CA ASN A 383 4.18 -23.90 -1.28
C ASN A 383 2.83 -23.20 -1.48
N GLY A 384 1.81 -23.94 -1.87
CA GLY A 384 0.40 -23.49 -1.83
C GLY A 384 -0.02 -22.75 -3.08
N ALA A 385 0.28 -23.33 -4.24
CA ALA A 385 -0.12 -22.81 -5.57
C ALA A 385 -1.57 -23.21 -5.84
N GLY A 386 -2.31 -22.33 -6.50
CA GLY A 386 -3.70 -22.55 -6.94
C GLY A 386 -3.74 -23.62 -8.01
N VAL A 387 -4.22 -24.82 -7.66
CA VAL A 387 -4.21 -26.02 -8.55
C VAL A 387 -5.15 -25.76 -9.73
N ASN A 388 -6.25 -25.05 -9.49
CA ASN A 388 -7.31 -24.83 -10.50
C ASN A 388 -7.20 -23.41 -11.06
N ALA A 389 -6.26 -22.60 -10.58
CA ALA A 389 -6.06 -21.21 -11.05
C ALA A 389 -6.25 -21.16 -12.57
N THR A 390 -7.25 -20.41 -13.05
CA THR A 390 -7.61 -20.26 -14.49
C THR A 390 -7.13 -18.89 -15.00
N ASP A 391 -6.57 -18.84 -16.21
CA ASP A 391 -6.16 -17.58 -16.91
C ASP A 391 -7.41 -16.98 -17.56
N VAL A 392 -7.27 -15.84 -18.24
CA VAL A 392 -8.39 -15.05 -18.84
C VAL A 392 -9.19 -15.92 -19.80
N ILE A 393 -8.54 -16.84 -20.51
CA ILE A 393 -9.18 -17.77 -21.47
C ILE A 393 -9.92 -18.88 -20.70
N GLY A 394 -9.62 -19.08 -19.42
CA GLY A 394 -10.22 -20.12 -18.57
C GLY A 394 -9.37 -21.38 -18.57
N THR A 395 -8.17 -21.31 -19.15
CA THR A 395 -7.17 -22.41 -19.22
C THR A 395 -6.52 -22.57 -17.85
N ALA A 396 -6.58 -23.79 -17.28
CA ALA A 396 -5.99 -24.16 -15.98
C ALA A 396 -4.68 -24.90 -16.24
N PRO A 397 -3.80 -25.04 -15.24
CA PRO A 397 -2.55 -25.80 -15.42
C PRO A 397 -2.76 -27.20 -16.00
N LEU A 398 -3.90 -27.84 -15.70
CA LEU A 398 -4.23 -29.21 -16.18
C LEU A 398 -4.43 -29.18 -17.70
N HIS A 399 -5.03 -28.11 -18.23
CA HIS A 399 -5.21 -27.90 -19.69
C HIS A 399 -3.85 -28.01 -20.39
N LEU A 400 -2.81 -27.36 -19.85
CA LEU A 400 -1.49 -27.19 -20.50
C LEU A 400 -0.67 -28.47 -20.38
N ALA A 401 -0.68 -29.08 -19.18
CA ALA A 401 0.00 -30.37 -18.89
C ALA A 401 -0.62 -31.46 -19.77
N ALA A 402 -1.95 -31.52 -19.87
CA ALA A 402 -2.67 -32.54 -20.65
C ALA A 402 -2.38 -32.34 -22.13
N MET A 403 -2.28 -31.08 -22.58
CA MET A 403 -2.12 -30.70 -24.00
C MET A 403 -0.80 -31.27 -24.55
N TRP A 404 0.33 -30.84 -23.99
CA TRP A 404 1.66 -31.50 -24.16
C TRP A 404 1.70 -32.72 -23.24
N GLY A 405 2.33 -33.82 -23.65
CA GLY A 405 2.17 -35.13 -22.97
C GLY A 405 2.91 -35.22 -21.65
N HIS A 406 2.55 -34.40 -20.67
CA HIS A 406 3.20 -34.37 -19.34
C HIS A 406 2.33 -35.15 -18.35
N LEU A 407 2.27 -36.46 -18.56
CA LEU A 407 1.46 -37.43 -17.77
C LEU A 407 1.81 -37.38 -16.27
N GLU A 408 3.10 -37.31 -15.90
CA GLU A 408 3.56 -37.23 -14.48
C GLU A 408 2.96 -35.97 -13.81
N ILE A 409 2.90 -34.85 -14.55
CA ILE A 409 2.34 -33.55 -14.04
C ILE A 409 0.81 -33.67 -13.95
N VAL A 410 0.17 -34.26 -14.95
CA VAL A 410 -1.32 -34.47 -14.95
C VAL A 410 -1.72 -35.26 -13.70
N GLU A 411 -0.95 -36.30 -13.33
CA GLU A 411 -1.22 -37.18 -12.16
C GLU A 411 -0.99 -36.43 -10.86
N VAL A 412 0.15 -35.74 -10.73
CA VAL A 412 0.49 -34.85 -9.57
C VAL A 412 -0.62 -33.81 -9.39
N LEU A 413 -1.07 -33.19 -10.48
CA LEU A 413 -2.09 -32.11 -10.50
C LEU A 413 -3.41 -32.68 -9.98
N LEU A 414 -3.83 -33.82 -10.54
CA LEU A 414 -5.09 -34.51 -10.14
C LEU A 414 -4.99 -34.85 -8.64
N LYS A 415 -3.85 -35.39 -8.21
CA LYS A 415 -3.56 -35.75 -6.80
C LYS A 415 -3.79 -34.54 -5.89
N ASN A 416 -3.52 -33.33 -6.37
CA ASN A 416 -3.72 -32.06 -5.60
C ASN A 416 -5.08 -31.45 -5.93
N GLY A 417 -6.00 -32.26 -6.47
CA GLY A 417 -7.43 -31.95 -6.59
C GLY A 417 -7.72 -31.05 -7.78
N ALA A 418 -7.02 -31.27 -8.90
CA ALA A 418 -7.23 -30.50 -10.15
C ALA A 418 -8.58 -30.90 -10.74
N ASP A 419 -9.35 -29.91 -11.20
CA ASP A 419 -10.72 -30.11 -11.74
C ASP A 419 -10.63 -30.49 -13.22
N VAL A 420 -11.12 -31.68 -13.58
CA VAL A 420 -11.08 -32.24 -14.95
C VAL A 420 -12.18 -31.60 -15.82
N ASN A 421 -13.21 -31.03 -15.17
CA ASN A 421 -14.41 -30.46 -15.84
C ASN A 421 -14.14 -29.02 -16.24
N ALA A 422 -13.04 -28.45 -15.75
CA ALA A 422 -12.53 -27.11 -16.09
C ALA A 422 -12.58 -26.93 -17.62
N GLN A 423 -13.15 -25.83 -18.09
CA GLN A 423 -13.39 -25.55 -19.52
C GLN A 423 -12.83 -24.15 -19.85
N ASP A 424 -12.28 -23.97 -21.07
CA ASP A 424 -11.77 -22.66 -21.52
C ASP A 424 -12.88 -21.97 -22.32
N LYS A 425 -12.57 -20.80 -22.90
CA LYS A 425 -13.51 -19.93 -23.64
C LYS A 425 -13.94 -20.68 -24.91
N PHE A 426 -13.07 -21.54 -25.44
CA PHE A 426 -13.31 -22.30 -26.70
C PHE A 426 -14.03 -23.62 -26.39
N GLY A 427 -14.48 -23.80 -25.14
CA GLY A 427 -15.28 -24.96 -24.71
C GLY A 427 -14.45 -26.22 -24.55
N LYS A 428 -13.11 -26.10 -24.63
CA LYS A 428 -12.17 -27.23 -24.61
C LYS A 428 -11.73 -27.49 -23.16
N THR A 429 -11.73 -28.77 -22.77
CA THR A 429 -11.37 -29.26 -21.41
C THR A 429 -10.03 -29.98 -21.49
N PRO A 430 -9.31 -30.18 -20.36
CA PRO A 430 -7.99 -30.82 -20.39
C PRO A 430 -7.99 -32.17 -21.12
N PHE A 431 -9.07 -32.95 -20.97
CA PHE A 431 -9.26 -34.26 -21.66
C PHE A 431 -9.27 -34.01 -23.16
N ASP A 432 -10.11 -33.06 -23.61
CA ASP A 432 -10.29 -32.71 -25.05
C ASP A 432 -8.92 -32.43 -25.66
N LEU A 433 -8.10 -31.62 -24.98
CA LEU A 433 -6.75 -31.21 -25.47
C LEU A 433 -5.84 -32.43 -25.54
N ALA A 434 -5.95 -33.38 -24.61
CA ALA A 434 -5.17 -34.63 -24.61
C ALA A 434 -5.57 -35.48 -25.83
N ILE A 435 -6.86 -35.57 -26.13
CA ILE A 435 -7.40 -36.33 -27.29
C ILE A 435 -6.91 -35.66 -28.58
N ASP A 436 -6.98 -34.34 -28.62
CA ASP A 436 -6.75 -33.52 -29.85
C ASP A 436 -5.25 -33.49 -30.16
N ASN A 437 -4.40 -33.91 -29.21
CA ASN A 437 -2.93 -34.02 -29.39
C ASN A 437 -2.53 -35.49 -29.34
N GLY A 438 -3.49 -36.40 -29.54
CA GLY A 438 -3.27 -37.87 -29.56
C GLY A 438 -2.53 -38.38 -28.33
N ASN A 439 -2.77 -37.78 -27.16
CA ASN A 439 -2.20 -38.22 -25.87
C ASN A 439 -3.14 -39.28 -25.26
N GLU A 440 -2.93 -40.55 -25.61
CA GLU A 440 -3.78 -41.71 -25.21
C GLU A 440 -3.69 -41.91 -23.69
N ASP A 441 -2.48 -41.93 -23.13
CA ASP A 441 -2.23 -42.23 -21.69
C ASP A 441 -2.95 -41.21 -20.81
N ILE A 442 -2.78 -39.92 -21.10
CA ILE A 442 -3.32 -38.78 -20.30
C ILE A 442 -4.85 -38.83 -20.36
N ALA A 443 -5.41 -39.01 -21.57
CA ALA A 443 -6.87 -39.06 -21.81
C ALA A 443 -7.51 -40.15 -20.93
N GLU A 444 -6.85 -41.29 -20.77
CA GLU A 444 -7.33 -42.41 -19.93
C GLU A 444 -7.35 -41.95 -18.47
N VAL A 445 -6.24 -41.37 -18.01
CA VAL A 445 -6.05 -40.92 -16.60
C VAL A 445 -7.07 -39.81 -16.28
N LEU A 446 -7.37 -38.93 -17.24
CA LEU A 446 -8.33 -37.79 -17.11
C LEU A 446 -9.77 -38.31 -17.10
N GLN A 447 -10.06 -39.33 -17.92
CA GLN A 447 -11.40 -39.99 -18.01
C GLN A 447 -11.70 -40.72 -16.69
N LYS A 448 -10.71 -41.47 -16.17
CA LYS A 448 -10.75 -42.20 -14.87
C LYS A 448 -11.00 -41.20 -13.73
N ALA A 449 -10.25 -40.10 -13.73
CA ALA A 449 -10.25 -39.05 -12.69
C ALA A 449 -11.67 -38.48 -12.57
N ALA A 450 -12.35 -38.41 -13.70
CA ALA A 450 -13.70 -37.83 -13.82
C ALA A 450 -14.77 -38.71 -13.18
N THR A 451 -14.53 -40.02 -13.11
CA THR A 451 -15.45 -41.03 -12.50
C THR A 451 -15.06 -41.23 -11.03
N ARG A 452 -14.35 -40.27 -10.45
CA ARG A 452 -13.90 -40.27 -9.03
C ARG A 452 -15.12 -40.34 -8.13
N GLU A 453 -16.17 -39.58 -8.45
CA GLU A 453 -17.38 -39.43 -7.60
C GLU A 453 -18.12 -40.78 -7.50
N LEU A 454 -17.92 -41.71 -8.45
CA LEU A 454 -18.58 -43.05 -8.48
C LEU A 454 -17.80 -44.03 -7.61
N GLU A 455 -16.65 -43.63 -7.06
CA GLU A 455 -15.81 -44.54 -6.23
C GLU A 455 -16.11 -44.27 -4.76
N VAL A 456 -17.29 -43.68 -4.49
CA VAL A 456 -17.99 -43.68 -3.18
C VAL A 456 -18.63 -45.05 -2.98
N LEU A 457 -18.91 -45.78 -4.06
CA LEU A 457 -19.59 -47.10 -3.98
C LEU A 457 -18.55 -48.23 -3.87
N PHE A 458 -17.25 -47.92 -4.01
CA PHE A 458 -16.22 -48.92 -4.43
C PHE A 458 -15.37 -49.41 -3.26
N GLN A 459 -15.80 -49.27 -2.00
CA GLN A 459 -15.09 -49.87 -0.84
C GLN A 459 -16.07 -50.69 0.00
O1 T0B B . -13.86 26.42 6.24
O1 T0B B . -12.82 28.85 7.15
C1 T0B B . -13.38 27.22 7.06
C1 T0B B . -13.10 27.66 7.28
N1 T0B B . -13.03 26.79 8.32
N1 T0B B . -12.91 27.03 8.48
C2 T0B B . -13.32 25.39 8.70
C2 T0B B . -13.28 25.61 8.65
C3 T0B B . -12.21 24.83 9.57
C3 T0B B . -12.31 24.90 9.57
N2 T0B B . -11.77 25.86 10.51
N2 T0B B . -11.83 25.84 10.60
C4 T0B B . -10.47 25.90 11.05
C4 T0B B . -10.53 25.86 11.12
N3 T0B B . -10.20 26.84 11.94
N3 T0B B . -10.24 26.81 12.00
C5 T0B B . -8.98 26.93 12.47
C5 T0B B . -9.01 26.90 12.51
N4 T0B B . -8.75 27.90 13.37
N4 T0B B . -8.77 27.86 13.41
C6 T0B B . -7.93 26.02 12.07
C6 T0B B . -7.96 26.00 12.10
C7 T0B B . -6.60 26.04 12.58
C7 T0B B . -6.63 26.03 12.58
C8 T0B B . -5.70 25.13 12.13
C8 T0B B . -5.72 25.13 12.12
O2 T0B B . -4.40 25.06 12.56
O2 T0B B . -4.42 25.06 12.52
C9 T0B B . -3.86 26.23 13.14
C9 T0B B . -3.87 26.24 13.11
C10 T0B B . -6.07 24.14 11.16
C10 T0B B . -6.10 24.14 11.15
O3 T0B B . -5.07 23.29 10.81
O3 T0B B . -5.10 23.30 10.79
C11 T0B B . -5.35 22.36 9.77
C11 T0B B . -5.39 22.35 9.75
C12 T0B B . -7.34 24.11 10.67
C12 T0B B . -7.37 24.10 10.68
C13 T0B B . -8.29 25.04 11.12
C13 T0B B . -8.33 25.03 11.14
N5 T0B B . -9.56 24.99 10.61
N5 T0B B . -9.62 24.97 10.65
C14 T0B B . -12.73 26.96 10.77
C14 T0B B . -12.77 26.90 10.96
C15 T0B B . -12.96 27.73 9.46
C15 T0B B . -12.93 27.83 9.73
C16 T0B B . -14.18 28.64 9.51
C16 T0B B . -14.14 28.75 9.81
C17 T0B B . -15.39 27.94 10.10
C17 T0B B . -15.39 27.97 10.22
C18 T0B B . -15.11 27.40 11.50
C18 T0B B . -15.19 27.31 11.57
C19 T0B B . -13.97 26.40 11.45
C19 T0B B . -14.06 26.30 11.50
C20 T0B B . -13.22 28.60 6.63
C20 T0B B . -13.67 26.93 6.14
C21 T0B B . -13.44 29.16 5.42
C21 T0B B . -14.61 27.28 5.23
C22 T0B B . -13.11 30.53 5.53
C22 T0B B . -14.77 26.19 4.35
C23 T0B B . -12.70 30.73 6.81
C23 T0B B . -13.91 25.21 4.78
O4 T0B B . -12.76 29.55 7.50
O4 T0B B . -13.23 25.66 5.87
H2 T0B B . -13.40 24.84 7.89
H2 T0B B . -13.29 25.17 7.79
H1 T0B B . -14.16 25.35 9.19
H1 T0B B . -14.18 25.56 9.04
H3 T0B B . -11.46 24.55 9.02
H3 T0B B . -11.54 24.57 9.05
H4 T0B B . -12.55 24.06 10.07
H4 T0B B . -12.75 24.14 10.00
H6 T0B B . -9.40 28.45 13.60
H6 T0B B . -9.42 28.42 13.64
H5 T0B B . -7.95 27.97 13.74
H5 T0B B . -7.98 27.95 13.76
H7 T0B B . -6.36 26.68 13.21
H7 T0B B . -6.38 26.67 13.21
H10 T0B B . -2.93 26.07 13.39
H10 T0B B . -2.95 26.08 13.34
H8 T0B B . -4.37 26.47 13.93
H8 T0B B . -4.38 26.46 13.91
H9 T0B B . -3.90 26.96 12.51
H9 T0B B . -3.94 26.97 12.47
H13 T0B B . -4.55 21.85 9.56
H13 T0B B . -4.59 21.85 9.54
H11 T0B B . -5.64 22.84 8.97
H11 T0B B . -5.71 22.83 8.97
H12 T0B B . -6.05 21.76 10.07
H12 T0B B . -6.09 21.75 10.06
H14 T0B B . -7.56 23.47 10.04
H14 T0B B . -7.61 23.45 10.04
H15 T0B B . -12.32 27.57 11.43
H15 T0B B . -12.39 27.43 11.70
H16 T0B B . -12.18 28.30 9.31
H16 T0B B . -12.13 28.41 9.70
H18 T0B B . -13.97 29.43 10.04
H18 T0B B . -13.97 29.45 10.45
H17 T0B B . -14.38 28.95 8.61
H17 T0B B . -14.29 29.15 8.94
H19 T0B B . -15.66 27.20 9.51
H19 T0B B . -15.59 27.30 9.55
H20 T0B B . -16.15 28.58 10.15
H20 T0B B . -16.15 28.60 10.27
H21 T0B B . -15.91 26.97 11.85
H21 T0B B . -16.02 26.86 11.84
H22 T0B B . -14.86 28.15 12.09
H22 T0B B . -14.97 28.00 12.25
H24 T0B B . -14.26 25.60 10.96
H24 T0B B . -14.33 25.56 10.92
H23 T0B B . -13.74 26.12 12.35
H23 T0B B . -13.90 25.93 12.38
H25 T0B B . -13.76 28.72 4.66
H25 T0B B . -15.06 28.10 5.19
H26 T0B B . -13.18 31.18 4.86
H26 T0B B . -15.35 26.13 3.63
H27 T0B B . -12.43 31.55 7.18
H27 T0B B . -13.79 24.36 4.40
#